data_5Z2N
#
_entry.id   5Z2N
#
_cell.length_a   122.193
_cell.length_b   30.061
_cell.length_c   95.055
_cell.angle_alpha   90.00
_cell.angle_beta   126.06
_cell.angle_gamma   90.00
#
_symmetry.space_group_name_H-M   'C 1 2 1'
#
loop_
_entity.id
_entity.type
_entity.pdbx_description
1 polymer 'Oxysterol-binding protein-related protein 1'
2 water water
#
_entity_poly.entity_id   1
_entity_poly.type   'polypeptide(L)'
_entity_poly.pdbx_seq_one_letter_code
;MNTEAEQQLLHHARNGNAEEVRKLLAAMARMEVVADIDCKGRSKSNLGWTPLHLACYFGHKQVVEDLLKAGAKVNMLNDM
GDTPLHRAAFTGRKELVLLLLEYDADSTVVNGSGQTAKEATHDKEIRNMLEAVERT
;
_entity_poly.pdbx_strand_id   B,A
#
# COMPACT_ATOMS: atom_id res chain seq x y z
N MET A 1 29.16 20.50 -15.29
CA MET A 1 29.62 19.40 -14.44
C MET A 1 29.16 19.62 -13.00
N ASN A 2 29.19 18.56 -12.19
CA ASN A 2 28.74 18.66 -10.80
C ASN A 2 29.72 19.48 -9.98
N THR A 3 29.21 20.16 -8.96
CA THR A 3 30.10 20.89 -8.07
C THR A 3 30.90 19.91 -7.22
N GLU A 4 31.98 20.42 -6.63
CA GLU A 4 32.78 19.61 -5.73
C GLU A 4 31.93 19.03 -4.59
N ALA A 5 31.07 19.85 -4.01
CA ALA A 5 30.25 19.39 -2.90
C ALA A 5 29.19 18.39 -3.36
N GLU A 6 28.70 18.53 -4.59
CA GLU A 6 27.78 17.53 -5.13
C GLU A 6 28.48 16.19 -5.31
N GLN A 7 29.73 16.21 -5.79
CA GLN A 7 30.51 14.98 -5.93
C GLN A 7 30.73 14.31 -4.58
N GLN A 8 31.05 15.10 -3.54
CA GLN A 8 31.21 14.53 -2.21
C GLN A 8 29.90 13.92 -1.71
N LEU A 9 28.77 14.58 -2.03
CA LEU A 9 27.47 14.08 -1.60
C LEU A 9 27.15 12.73 -2.26
N LEU A 10 27.30 12.65 -3.58
CA LEU A 10 27.11 11.39 -4.29
C LEU A 10 28.04 10.32 -3.72
N HIS A 11 29.30 10.68 -3.50
CA HIS A 11 30.28 9.73 -2.98
C HIS A 11 29.89 9.23 -1.60
N HIS A 12 29.59 10.17 -0.68
CA HIS A 12 29.27 9.79 0.70
C HIS A 12 27.95 9.06 0.79
N ALA A 13 27.02 9.36 -0.12
CA ALA A 13 25.76 8.61 -0.14
C ALA A 13 25.97 7.21 -0.65
N ARG A 14 26.86 7.04 -1.62
CA ARG A 14 27.17 5.71 -2.13
C ARG A 14 27.83 4.86 -1.05
N ASN A 15 28.73 5.45 -0.27
CA ASN A 15 29.52 4.71 0.70
C ASN A 15 28.90 4.68 2.09
N GLY A 16 27.82 5.41 2.32
CA GLY A 16 27.13 5.34 3.60
C GLY A 16 27.79 6.11 4.70
N ASN A 17 28.64 7.09 4.38
CA ASN A 17 29.28 7.94 5.39
C ASN A 17 28.25 8.97 5.83
N ALA A 18 27.51 8.62 6.89
CA ALA A 18 26.29 9.35 7.23
C ALA A 18 26.59 10.68 7.92
N GLU A 19 27.65 10.75 8.72
CA GLU A 19 28.03 12.02 9.32
C GLU A 19 28.52 13.00 8.28
N GLU A 20 29.21 12.51 7.24
CA GLU A 20 29.67 13.39 6.18
C GLU A 20 28.51 13.94 5.37
N VAL A 21 27.45 13.13 5.20
CA VAL A 21 26.27 13.59 4.48
C VAL A 21 25.57 14.68 5.28
N ARG A 22 25.34 14.43 6.58
CA ARG A 22 24.74 15.45 7.43
C ARG A 22 25.60 16.70 7.48
N LYS A 23 26.93 16.53 7.52
CA LYS A 23 27.80 17.71 7.51
C LYS A 23 27.64 18.50 6.22
N LEU A 24 27.49 17.80 5.09
CA LEU A 24 27.26 18.50 3.82
C LEU A 24 25.88 19.15 3.79
N LEU A 25 24.86 18.44 4.25
CA LEU A 25 23.52 19.02 4.25
C LEU A 25 23.46 20.26 5.13
N ALA A 26 24.12 20.22 6.29
CA ALA A 26 24.15 21.40 7.15
C ALA A 26 24.91 22.54 6.48
N ALA A 27 26.02 22.24 5.80
CA ALA A 27 26.74 23.27 5.07
C ALA A 27 25.90 23.83 3.93
N MET A 28 25.14 22.98 3.25
CA MET A 28 24.24 23.46 2.20
C MET A 28 23.17 24.38 2.79
N ALA A 29 22.69 24.06 3.99
CA ALA A 29 21.70 24.91 4.63
C ALA A 29 22.30 26.27 4.98
N ARG A 30 23.52 26.27 5.50
CA ARG A 30 24.22 27.51 5.83
C ARG A 30 24.82 28.17 4.61
N MET A 31 24.56 27.65 3.43
CA MET A 31 25.08 28.18 2.20
C MET A 31 26.58 28.25 2.09
N GLU A 32 27.28 27.35 2.76
CA GLU A 32 28.73 27.33 2.69
C GLU A 32 29.25 26.50 1.52
N VAL A 33 28.38 25.73 0.86
CA VAL A 33 28.74 25.00 -0.36
C VAL A 33 27.60 25.14 -1.36
N VAL A 34 27.92 25.07 -2.64
CA VAL A 34 26.92 25.11 -3.71
C VAL A 34 26.64 23.66 -4.12
N ALA A 35 25.43 23.19 -3.85
CA ALA A 35 25.11 21.80 -4.13
C ALA A 35 23.60 21.61 -4.20
N ASP A 36 23.16 20.89 -5.23
CA ASP A 36 21.77 20.50 -5.37
C ASP A 36 21.60 19.13 -4.73
N ILE A 37 20.69 19.03 -3.75
CA ILE A 37 20.47 17.75 -3.08
C ILE A 37 19.99 16.69 -4.04
N ASP A 38 19.34 17.10 -5.14
CA ASP A 38 18.88 16.21 -6.17
C ASP A 38 19.86 16.13 -7.33
N CYS A 39 21.14 16.37 -7.07
CA CYS A 39 22.13 16.28 -8.12
C CYS A 39 22.20 14.86 -8.66
N LYS A 40 22.64 14.72 -9.88
CA LYS A 40 22.79 13.44 -10.55
C LYS A 40 24.20 13.25 -11.04
N GLY A 41 24.74 12.07 -10.90
CA GLY A 41 26.07 11.78 -11.41
C GLY A 41 26.10 11.74 -12.92
N ARG A 42 27.16 12.26 -13.53
CA ARG A 42 27.28 12.25 -14.98
C ARG A 42 28.43 11.38 -15.52
N SER A 43 29.12 10.71 -14.61
CA SER A 43 30.26 9.86 -14.96
C SER A 43 29.90 8.45 -15.43
N LYS A 44 30.90 7.68 -15.82
CA LYS A 44 30.69 6.30 -16.23
C LYS A 44 30.13 5.50 -15.06
N SER A 45 30.68 5.72 -13.87
CA SER A 45 30.27 5.00 -12.68
C SER A 45 28.82 5.23 -12.24
N ASN A 46 28.35 6.46 -12.39
CA ASN A 46 26.98 6.79 -12.02
C ASN A 46 26.25 7.49 -13.14
N LEU A 47 25.10 6.97 -13.55
CA LEU A 47 24.38 7.61 -14.61
C LEU A 47 23.02 8.12 -14.18
N GLY A 48 22.98 9.37 -13.79
CA GLY A 48 21.74 9.94 -13.36
C GLY A 48 21.25 9.54 -11.99
N TRP A 49 22.04 8.79 -11.23
CA TRP A 49 21.62 8.46 -9.88
C TRP A 49 21.85 9.66 -8.97
N THR A 50 20.77 9.93 -8.15
CA THR A 50 20.83 10.96 -7.13
C THR A 50 21.53 10.41 -5.90
N PRO A 51 21.88 11.25 -4.93
CA PRO A 51 22.33 10.69 -3.65
C PRO A 51 21.30 9.79 -3.02
N LEU A 52 20.01 10.08 -3.24
CA LEU A 52 18.95 9.23 -2.69
C LEU A 52 18.89 7.90 -3.42
N HIS A 53 19.03 7.91 -4.75
CA HIS A 53 19.13 6.66 -5.50
C HIS A 53 20.21 5.77 -4.92
N LEU A 54 21.40 6.35 -4.67
CA LEU A 54 22.57 5.57 -4.27
C LEU A 54 22.41 5.02 -2.86
N ALA A 55 21.98 5.87 -1.93
CA ALA A 55 21.81 5.44 -0.54
C ALA A 55 20.74 4.35 -0.43
N CYS A 56 19.66 4.47 -1.20
CA CYS A 56 18.66 3.42 -1.22
C CYS A 56 19.23 2.11 -1.76
N TYR A 57 19.96 2.18 -2.89
CA TYR A 57 20.46 0.96 -3.53
C TYR A 57 21.41 0.21 -2.63
N PHE A 58 22.29 0.94 -1.94
CA PHE A 58 23.30 0.32 -1.10
C PHE A 58 22.90 0.23 0.37
N GLY A 59 21.67 0.60 0.71
CA GLY A 59 21.13 0.26 2.01
C GLY A 59 21.58 1.13 3.16
N HIS A 60 21.93 2.37 2.89
CA HIS A 60 22.45 3.27 3.91
C HIS A 60 21.26 4.04 4.46
N LYS A 61 20.64 3.49 5.50
CA LYS A 61 19.31 3.94 5.90
C LYS A 61 19.34 5.30 6.55
N GLN A 62 20.37 5.57 7.38
CA GLN A 62 20.45 6.89 7.99
C GLN A 62 20.63 7.97 6.92
N VAL A 63 21.41 7.67 5.88
CA VAL A 63 21.59 8.62 4.79
C VAL A 63 20.28 8.84 4.06
N VAL A 64 19.52 7.76 3.80
CA VAL A 64 18.24 7.90 3.13
C VAL A 64 17.31 8.81 3.94
N GLU A 65 17.27 8.60 5.25
CA GLU A 65 16.37 9.37 6.10
C GLU A 65 16.78 10.84 6.17
N ASP A 66 18.07 11.13 6.31
CA ASP A 66 18.50 12.52 6.38
C ASP A 66 18.30 13.24 5.05
N LEU A 67 18.37 12.51 3.94
CA LEU A 67 18.12 13.13 2.65
C LEU A 67 16.63 13.46 2.48
N LEU A 68 15.76 12.51 2.81
CA LEU A 68 14.32 12.77 2.74
C LEU A 68 13.92 13.87 3.71
N LYS A 69 14.46 13.83 4.94
CA LYS A 69 14.17 14.87 5.92
C LYS A 69 14.56 16.25 5.41
N ALA A 70 15.65 16.32 4.63
CA ALA A 70 16.14 17.58 4.10
C ALA A 70 15.51 17.94 2.76
N GLY A 71 14.51 17.19 2.30
CA GLY A 71 13.73 17.59 1.14
C GLY A 71 14.17 17.02 -0.19
N ALA A 72 14.95 15.94 -0.20
CA ALA A 72 15.32 15.32 -1.46
C ALA A 72 14.08 14.88 -2.21
N LYS A 73 14.07 15.14 -3.52
CA LYS A 73 12.91 14.77 -4.34
C LYS A 73 12.84 13.26 -4.48
N VAL A 74 11.70 12.70 -4.11
CA VAL A 74 11.57 11.28 -3.86
C VAL A 74 11.35 10.48 -5.14
N ASN A 75 10.95 11.14 -6.23
CA ASN A 75 10.62 10.45 -7.48
C ASN A 75 11.60 10.75 -8.60
N MET A 76 12.80 11.22 -8.27
CA MET A 76 13.82 11.45 -9.29
C MET A 76 14.07 10.18 -10.08
N LEU A 77 14.23 10.34 -11.39
CA LEU A 77 14.55 9.22 -12.28
C LEU A 77 16.03 9.24 -12.62
N ASN A 78 16.70 8.11 -12.49
CA ASN A 78 18.04 8.01 -13.04
C ASN A 78 17.91 7.72 -14.54
N ASP A 79 19.04 7.53 -15.22
CA ASP A 79 19.00 7.37 -16.66
C ASP A 79 18.37 6.05 -17.08
N MET A 80 18.29 5.06 -16.19
CA MET A 80 17.57 3.83 -16.47
C MET A 80 16.06 3.97 -16.24
N GLY A 81 15.58 5.16 -15.88
CA GLY A 81 14.17 5.34 -15.59
C GLY A 81 13.75 4.89 -14.23
N ASP A 82 14.70 4.63 -13.33
CA ASP A 82 14.40 4.10 -12.02
C ASP A 82 14.24 5.21 -11.00
N THR A 83 13.25 5.05 -10.12
CA THR A 83 13.12 5.85 -8.91
C THR A 83 13.94 5.24 -7.80
N PRO A 84 14.18 5.98 -6.72
CA PRO A 84 14.72 5.33 -5.52
C PRO A 84 13.90 4.14 -5.05
N LEU A 85 12.58 4.18 -5.23
CA LEU A 85 11.75 3.03 -4.85
C LEU A 85 12.10 1.81 -5.69
N HIS A 86 12.25 1.99 -7.01
CA HIS A 86 12.80 0.93 -7.84
C HIS A 86 14.04 0.32 -7.22
N ARG A 87 15.00 1.16 -6.80
CA ARG A 87 16.28 0.66 -6.32
C ARG A 87 16.10 -0.05 -4.98
N ALA A 88 15.33 0.54 -4.06
CA ALA A 88 15.05 -0.11 -2.78
C ALA A 88 14.30 -1.42 -3.00
N ALA A 89 13.36 -1.44 -3.93
CA ALA A 89 12.60 -2.66 -4.16
C ALA A 89 13.49 -3.73 -4.80
N PHE A 90 14.35 -3.31 -5.73
CA PHE A 90 15.22 -4.26 -6.42
C PHE A 90 16.14 -4.97 -5.44
N THR A 91 16.73 -4.24 -4.50
CA THR A 91 17.61 -4.82 -3.51
C THR A 91 16.86 -5.41 -2.32
N GLY A 92 15.53 -5.44 -2.37
CA GLY A 92 14.74 -6.04 -1.32
C GLY A 92 14.99 -5.44 0.04
N ARG A 93 14.84 -4.13 0.15
CA ARG A 93 15.04 -3.41 1.41
C ARG A 93 13.67 -2.99 1.91
N LYS A 94 13.12 -3.80 2.81
CA LYS A 94 11.72 -3.64 3.23
C LYS A 94 11.52 -2.31 3.95
N GLU A 95 12.40 -2.02 4.90
CA GLU A 95 12.32 -0.79 5.69
C GLU A 95 12.44 0.47 4.84
N LEU A 96 13.19 0.39 3.75
CA LEU A 96 13.36 1.56 2.89
C LEU A 96 12.22 1.72 1.91
N VAL A 97 11.64 0.60 1.45
CA VAL A 97 10.40 0.69 0.69
C VAL A 97 9.33 1.39 1.52
N LEU A 98 9.19 0.99 2.78
CA LEU A 98 8.21 1.61 3.66
C LEU A 98 8.50 3.10 3.84
N LEU A 99 9.77 3.45 4.09
CA LEU A 99 10.15 4.83 4.34
C LEU A 99 9.86 5.71 3.13
N LEU A 100 10.18 5.23 1.93
CA LEU A 100 9.96 6.01 0.72
C LEU A 100 8.46 6.23 0.46
N LEU A 101 7.65 5.18 0.64
CA LEU A 101 6.20 5.36 0.53
C LEU A 101 5.71 6.42 1.50
N GLU A 102 6.26 6.43 2.71
CA GLU A 102 5.88 7.42 3.70
C GLU A 102 6.14 8.84 3.21
N TYR A 103 7.09 8.99 2.28
CA TYR A 103 7.43 10.28 1.73
C TYR A 103 6.80 10.52 0.36
N ASP A 104 5.68 9.86 0.15
CA ASP A 104 4.87 9.98 -1.02
C ASP A 104 5.56 9.62 -2.31
N ALA A 105 6.22 8.49 -2.31
CA ALA A 105 6.90 8.05 -3.49
C ALA A 105 5.89 7.43 -4.39
N ASP A 106 5.99 7.67 -5.67
CA ASP A 106 5.06 7.11 -6.64
C ASP A 106 5.48 5.67 -6.97
N SER A 107 4.58 4.72 -6.74
CA SER A 107 4.84 3.31 -6.99
C SER A 107 4.44 2.87 -8.40
N THR A 108 3.87 3.78 -9.19
CA THR A 108 3.40 3.44 -10.52
C THR A 108 4.45 3.62 -11.60
N VAL A 109 5.54 4.33 -11.29
CA VAL A 109 6.52 4.72 -12.30
C VAL A 109 7.09 3.49 -12.98
N VAL A 110 7.10 3.52 -14.32
CA VAL A 110 7.63 2.43 -15.13
C VAL A 110 9.02 2.82 -15.60
N ASN A 111 10.03 2.00 -15.30
CA ASN A 111 11.38 2.35 -15.68
C ASN A 111 11.60 2.07 -17.16
N GLY A 112 12.80 2.43 -17.64
CA GLY A 112 13.15 2.27 -19.03
C GLY A 112 13.08 0.84 -19.53
N SER A 113 13.18 -0.13 -18.63
CA SER A 113 13.05 -1.54 -18.99
C SER A 113 11.61 -2.04 -18.94
N GLY A 114 10.62 -1.15 -18.75
CA GLY A 114 9.24 -1.56 -18.71
C GLY A 114 8.76 -2.14 -17.41
N GLN A 115 9.36 -1.76 -16.29
CA GLN A 115 9.05 -2.34 -15.00
C GLN A 115 8.69 -1.28 -13.98
N THR A 116 7.72 -1.63 -13.15
CA THR A 116 7.42 -0.92 -11.93
C THR A 116 8.29 -1.47 -10.81
N ALA A 117 8.32 -0.74 -9.69
CA ALA A 117 9.08 -1.21 -8.53
C ALA A 117 8.63 -2.60 -8.12
N LYS A 118 7.32 -2.85 -8.15
CA LYS A 118 6.80 -4.18 -7.85
C LYS A 118 7.35 -5.22 -8.80
N GLU A 119 7.35 -4.91 -10.10
CA GLU A 119 7.78 -5.89 -11.09
C GLU A 119 9.29 -6.14 -11.05
N ALA A 120 10.07 -5.22 -10.49
CA ALA A 120 11.52 -5.38 -10.45
C ALA A 120 12.04 -6.05 -9.20
N THR A 121 11.18 -6.35 -8.25
CA THR A 121 11.67 -6.99 -7.05
C THR A 121 11.54 -8.49 -7.05
N HIS A 122 12.43 -9.14 -6.35
CA HIS A 122 12.35 -10.58 -6.16
C HIS A 122 11.90 -10.95 -4.76
N ASP A 123 11.77 -9.96 -3.88
CA ASP A 123 11.38 -10.22 -2.51
C ASP A 123 9.87 -10.40 -2.39
N LYS A 124 9.45 -11.49 -1.76
CA LYS A 124 8.03 -11.78 -1.60
C LYS A 124 7.28 -10.77 -0.75
N GLU A 125 7.87 -10.39 0.37
CA GLU A 125 7.24 -9.41 1.25
C GLU A 125 7.01 -8.11 0.52
N ILE A 126 7.99 -7.64 -0.23
CA ILE A 126 7.87 -6.40 -0.95
C ILE A 126 6.91 -6.50 -2.11
N ARG A 127 6.92 -7.62 -2.78
CA ARG A 127 6.00 -7.80 -3.90
C ARG A 127 4.57 -7.71 -3.40
N ASN A 128 4.31 -8.31 -2.25
CA ASN A 128 2.97 -8.23 -1.66
C ASN A 128 2.62 -6.79 -1.32
N MET A 129 3.53 -6.10 -0.62
CA MET A 129 3.27 -4.73 -0.17
C MET A 129 2.93 -3.83 -1.35
N LEU A 130 3.68 -3.96 -2.44
CA LEU A 130 3.43 -3.11 -3.60
C LEU A 130 2.22 -3.56 -4.40
N GLU A 131 1.86 -4.82 -4.26
CA GLU A 131 0.64 -5.31 -4.88
C GLU A 131 -0.54 -4.59 -4.21
N ALA A 132 -0.46 -4.40 -2.89
CA ALA A 132 -1.53 -3.76 -2.15
C ALA A 132 -1.62 -2.27 -2.47
N VAL A 133 -0.49 -1.57 -2.37
CA VAL A 133 -0.44 -0.15 -2.72
C VAL A 133 -0.98 0.07 -4.13
N GLU A 134 -0.63 -0.82 -5.06
CA GLU A 134 -1.10 -0.73 -6.44
C GLU A 134 -2.62 -0.76 -6.52
N ARG A 135 -3.28 -1.51 -5.64
CA ARG A 135 -4.74 -1.57 -5.65
C ARG A 135 -5.36 -0.24 -5.23
N THR A 136 -4.70 0.49 -4.34
CA THR A 136 -5.21 1.77 -3.87
C THR A 136 -5.31 2.78 -5.01
N MET B 1 -37.65 -4.97 11.52
CA MET B 1 -36.89 -6.20 11.26
C MET B 1 -36.50 -6.28 9.79
N ASN B 2 -35.63 -7.24 9.45
CA ASN B 2 -35.15 -7.37 8.08
C ASN B 2 -36.21 -7.98 7.18
N THR B 3 -36.23 -7.56 5.93
CA THR B 3 -37.13 -8.17 4.97
C THR B 3 -36.73 -9.62 4.72
N GLU B 4 -37.66 -10.40 4.19
CA GLU B 4 -37.39 -11.79 3.83
C GLU B 4 -36.18 -11.92 2.92
N ALA B 5 -36.16 -11.13 1.84
CA ALA B 5 -35.04 -11.21 0.90
C ALA B 5 -33.73 -10.80 1.55
N GLU B 6 -33.76 -9.81 2.46
CA GLU B 6 -32.55 -9.47 3.22
C GLU B 6 -32.10 -10.64 4.09
N GLN B 7 -33.04 -11.33 4.74
CA GLN B 7 -32.68 -12.51 5.52
C GLN B 7 -32.07 -13.59 4.64
N GLN B 8 -32.60 -13.75 3.42
CA GLN B 8 -32.04 -14.73 2.50
C GLN B 8 -30.63 -14.32 2.06
N LEU B 9 -30.43 -13.02 1.86
CA LEU B 9 -29.12 -12.54 1.39
C LEU B 9 -28.06 -12.71 2.47
N LEU B 10 -28.40 -12.38 3.72
CA LEU B 10 -27.48 -12.61 4.82
C LEU B 10 -27.13 -14.08 4.96
N HIS B 11 -28.16 -14.94 4.93
CA HIS B 11 -27.94 -16.37 5.06
C HIS B 11 -27.03 -16.90 3.95
N HIS B 12 -27.37 -16.59 2.70
CA HIS B 12 -26.59 -17.08 1.57
C HIS B 12 -25.18 -16.51 1.55
N ALA B 13 -25.00 -15.26 2.00
CA ALA B 13 -23.66 -14.69 2.05
C ALA B 13 -22.82 -15.34 3.14
N ARG B 14 -23.43 -15.67 4.27
CA ARG B 14 -22.69 -16.35 5.34
C ARG B 14 -22.19 -17.71 4.89
N ASN B 15 -22.99 -18.43 4.10
CA ASN B 15 -22.69 -19.81 3.73
C ASN B 15 -22.09 -19.95 2.34
N GLY B 16 -21.87 -18.85 1.63
CA GLY B 16 -21.18 -18.90 0.35
C GLY B 16 -21.97 -19.39 -0.83
N ASN B 17 -23.30 -19.40 -0.74
CA ASN B 17 -24.15 -19.89 -1.82
C ASN B 17 -24.20 -18.82 -2.90
N ALA B 18 -23.24 -18.89 -3.83
CA ALA B 18 -22.95 -17.75 -4.69
C ALA B 18 -24.05 -17.54 -5.73
N GLU B 19 -24.58 -18.62 -6.28
CA GLU B 19 -25.66 -18.47 -7.27
C GLU B 19 -26.91 -17.90 -6.64
N GLU B 20 -27.18 -18.21 -5.38
CA GLU B 20 -28.35 -17.65 -4.71
C GLU B 20 -28.16 -16.16 -4.43
N VAL B 21 -26.93 -15.75 -4.12
CA VAL B 21 -26.63 -14.33 -3.98
C VAL B 21 -26.93 -13.60 -5.29
N ARG B 22 -26.36 -14.12 -6.40
CA ARG B 22 -26.55 -13.46 -7.68
C ARG B 22 -28.02 -13.46 -8.10
N LYS B 23 -28.75 -14.53 -7.77
CA LYS B 23 -30.18 -14.57 -8.07
C LYS B 23 -30.93 -13.54 -7.25
N LEU B 24 -30.53 -13.34 -6.00
CA LEU B 24 -31.18 -12.32 -5.18
C LEU B 24 -30.82 -10.92 -5.67
N LEU B 25 -29.55 -10.69 -6.01
CA LEU B 25 -29.15 -9.39 -6.52
C LEU B 25 -29.87 -9.07 -7.82
N ALA B 26 -30.01 -10.06 -8.71
CA ALA B 26 -30.74 -9.84 -9.96
C ALA B 26 -32.19 -9.50 -9.69
N ALA B 27 -32.81 -10.17 -8.71
CA ALA B 27 -34.20 -9.85 -8.38
C ALA B 27 -34.31 -8.47 -7.74
N MET B 28 -33.33 -8.10 -6.92
CA MET B 28 -33.30 -6.74 -6.40
C MET B 28 -33.16 -5.73 -7.53
N ALA B 29 -32.34 -6.04 -8.53
CA ALA B 29 -32.19 -5.15 -9.67
C ALA B 29 -33.53 -4.96 -10.38
N ARG B 30 -34.23 -6.05 -10.67
CA ARG B 30 -35.54 -5.97 -11.30
C ARG B 30 -36.63 -5.56 -10.31
N MET B 31 -36.27 -5.27 -9.06
CA MET B 31 -37.21 -4.75 -8.07
C MET B 31 -38.30 -5.75 -7.74
N GLU B 32 -38.00 -7.04 -7.89
CA GLU B 32 -38.96 -8.07 -7.53
C GLU B 32 -38.94 -8.40 -6.06
N VAL B 33 -37.95 -7.91 -5.32
CA VAL B 33 -37.87 -8.08 -3.87
C VAL B 33 -37.35 -6.78 -3.26
N VAL B 34 -37.77 -6.50 -2.04
CA VAL B 34 -37.32 -5.32 -1.30
C VAL B 34 -36.18 -5.76 -0.40
N ALA B 35 -34.97 -5.27 -0.67
CA ALA B 35 -33.83 -5.66 0.12
C ALA B 35 -32.72 -4.63 -0.06
N ASP B 36 -32.07 -4.28 1.05
CA ASP B 36 -30.90 -3.42 1.02
C ASP B 36 -29.65 -4.30 0.93
N ILE B 37 -28.79 -4.03 -0.05
CA ILE B 37 -27.56 -4.82 -0.20
C ILE B 37 -26.64 -4.61 0.99
N ASP B 38 -26.81 -3.49 1.71
CA ASP B 38 -26.02 -3.18 2.90
C ASP B 38 -26.78 -3.52 4.17
N CYS B 39 -27.80 -4.36 4.06
CA CYS B 39 -28.58 -4.73 5.24
C CYS B 39 -27.66 -5.29 6.31
N LYS B 40 -28.16 -5.28 7.52
CA LYS B 40 -27.37 -5.68 8.63
C LYS B 40 -28.11 -6.65 9.49
N GLY B 41 -27.47 -7.71 9.87
CA GLY B 41 -28.10 -8.64 10.77
C GLY B 41 -28.57 -7.97 12.04
N ARG B 42 -29.68 -8.44 12.56
CA ARG B 42 -30.14 -8.09 13.89
C ARG B 42 -30.13 -9.36 14.73
N SER B 43 -30.47 -9.21 16.02
CA SER B 43 -30.59 -10.32 16.96
C SER B 43 -29.24 -10.95 17.32
N LEU B 47 -24.90 -9.08 14.44
CA LEU B 47 -25.07 -7.75 15.04
C LEU B 47 -24.47 -6.65 14.16
N GLY B 48 -25.17 -6.23 13.14
CA GLY B 48 -24.68 -5.16 12.31
C GLY B 48 -23.80 -5.64 11.21
N TRP B 49 -23.71 -6.96 11.06
CA TRP B 49 -22.92 -7.59 10.02
C TRP B 49 -23.62 -7.57 8.69
N THR B 50 -22.98 -7.03 7.67
CA THR B 50 -23.58 -6.97 6.35
C THR B 50 -23.38 -8.29 5.65
N PRO B 51 -24.05 -8.53 4.52
CA PRO B 51 -23.63 -9.64 3.67
C PRO B 51 -22.17 -9.57 3.26
N LEU B 52 -21.62 -8.36 3.16
CA LEU B 52 -20.21 -8.23 2.82
C LEU B 52 -19.31 -8.62 3.97
N HIS B 53 -19.66 -8.18 5.19
CA HIS B 53 -18.96 -8.64 6.38
C HIS B 53 -18.89 -10.16 6.42
N LEU B 54 -20.03 -10.83 6.26
CA LEU B 54 -20.08 -12.29 6.38
C LEU B 54 -19.24 -12.96 5.31
N ALA B 55 -19.43 -12.56 4.05
CA ALA B 55 -18.71 -13.19 2.95
C ALA B 55 -17.21 -13.00 3.07
N CYS B 56 -16.78 -11.84 3.59
CA CYS B 56 -15.35 -11.63 3.83
C CYS B 56 -14.85 -12.52 4.95
N TYR B 57 -15.56 -12.52 6.09
CA TYR B 57 -15.11 -13.26 7.27
C TYR B 57 -15.00 -14.75 6.97
N PHE B 58 -15.93 -15.29 6.20
CA PHE B 58 -15.95 -16.72 5.91
C PHE B 58 -15.37 -17.07 4.54
N GLY B 59 -14.84 -16.08 3.82
CA GLY B 59 -13.99 -16.36 2.67
C GLY B 59 -14.68 -16.78 1.40
N HIS B 60 -15.87 -16.26 1.15
CA HIS B 60 -16.65 -16.65 -0.02
C HIS B 60 -16.36 -15.62 -1.10
N LYS B 61 -15.32 -15.90 -1.89
CA LYS B 61 -14.72 -14.87 -2.75
C LYS B 61 -15.66 -14.47 -3.87
N GLN B 62 -16.33 -15.43 -4.51
CA GLN B 62 -17.28 -15.08 -5.56
C GLN B 62 -18.40 -14.19 -5.01
N VAL B 63 -18.87 -14.48 -3.80
CA VAL B 63 -19.91 -13.65 -3.19
C VAL B 63 -19.37 -12.25 -2.95
N VAL B 64 -18.15 -12.16 -2.38
CA VAL B 64 -17.55 -10.85 -2.12
C VAL B 64 -17.46 -10.03 -3.40
N GLU B 65 -17.08 -10.67 -4.51
CA GLU B 65 -16.87 -9.95 -5.75
C GLU B 65 -18.18 -9.49 -6.37
N ASP B 66 -19.20 -10.35 -6.34
CA ASP B 66 -20.50 -9.96 -6.87
C ASP B 66 -21.16 -8.89 -6.00
N LEU B 67 -20.90 -8.92 -4.68
CA LEU B 67 -21.47 -7.89 -3.82
C LEU B 67 -20.82 -6.54 -4.10
N LEU B 68 -19.50 -6.51 -4.21
CA LEU B 68 -18.81 -5.27 -4.55
C LEU B 68 -19.20 -4.80 -5.95
N LYS B 69 -19.25 -5.73 -6.91
CA LYS B 69 -19.68 -5.39 -8.27
C LYS B 69 -21.04 -4.74 -8.28
N ALA B 70 -21.93 -5.14 -7.38
CA ALA B 70 -23.29 -4.63 -7.32
C ALA B 70 -23.41 -3.37 -6.46
N GLY B 71 -22.30 -2.87 -5.90
CA GLY B 71 -22.30 -1.61 -5.18
C GLY B 71 -22.36 -1.69 -3.68
N ALA B 72 -22.03 -2.83 -3.08
CA ALA B 72 -22.07 -2.94 -1.62
C ALA B 72 -21.08 -1.94 -1.01
N LYS B 73 -21.51 -1.30 0.08
CA LYS B 73 -20.68 -0.29 0.74
C LYS B 73 -19.52 -0.98 1.44
N VAL B 74 -18.30 -0.49 1.19
CA VAL B 74 -17.12 -1.28 1.50
C VAL B 74 -16.60 -1.04 2.91
N ASN B 75 -16.90 0.11 3.54
CA ASN B 75 -16.47 0.36 4.90
C ASN B 75 -17.61 0.35 5.90
N MET B 76 -18.68 -0.40 5.63
CA MET B 76 -19.72 -0.59 6.62
C MET B 76 -19.11 -1.10 7.93
N LEU B 77 -19.58 -0.57 9.05
CA LEU B 77 -19.13 -1.02 10.35
C LEU B 77 -20.17 -1.94 10.96
N ASN B 78 -19.73 -3.09 11.46
CA ASN B 78 -20.61 -3.91 12.28
C ASN B 78 -20.64 -3.29 13.67
N ASP B 79 -21.24 -3.98 14.62
CA ASP B 79 -21.40 -3.46 15.97
C ASP B 79 -20.10 -3.24 16.69
N MET B 80 -19.11 -4.03 16.36
CA MET B 80 -17.80 -3.89 16.97
C MET B 80 -17.00 -2.73 16.40
N GLY B 81 -17.53 -2.04 15.39
CA GLY B 81 -16.75 -1.03 14.70
C GLY B 81 -15.82 -1.58 13.65
N ASP B 82 -16.01 -2.84 13.25
CA ASP B 82 -15.15 -3.48 12.28
C ASP B 82 -15.68 -3.29 10.86
N THR B 83 -14.75 -3.04 9.94
CA THR B 83 -15.06 -3.04 8.52
C THR B 83 -14.97 -4.47 8.00
N PRO B 84 -15.45 -4.72 6.78
CA PRO B 84 -15.12 -6.00 6.13
C PRO B 84 -13.62 -6.20 5.97
N LEU B 85 -12.83 -5.13 5.85
CA LEU B 85 -11.38 -5.26 5.78
C LEU B 85 -10.81 -5.74 7.12
N HIS B 86 -11.35 -5.24 8.24
CA HIS B 86 -11.04 -5.80 9.55
C HIS B 86 -11.27 -7.30 9.57
N ARG B 87 -12.38 -7.74 8.97
CA ARG B 87 -12.74 -9.15 9.06
C ARG B 87 -11.89 -10.00 8.13
N ALA B 88 -11.62 -9.48 6.92
CA ALA B 88 -10.72 -10.18 6.00
C ALA B 88 -9.30 -10.24 6.56
N ALA B 89 -8.83 -9.14 7.16
CA ALA B 89 -7.48 -9.12 7.73
C ALA B 89 -7.40 -10.02 8.95
N PHE B 90 -8.41 -10.00 9.82
CA PHE B 90 -8.40 -10.80 11.04
C PHE B 90 -8.28 -12.29 10.73
N THR B 91 -8.94 -12.74 9.67
CA THR B 91 -8.99 -14.14 9.26
C THR B 91 -7.95 -14.47 8.20
N GLY B 92 -7.05 -13.53 7.91
CA GLY B 92 -5.89 -13.77 7.05
C GLY B 92 -6.24 -14.19 5.63
N ARG B 93 -7.04 -13.40 4.93
CA ARG B 93 -7.50 -13.71 3.59
C ARG B 93 -6.83 -12.75 2.62
N LYS B 94 -5.67 -13.16 2.10
CA LYS B 94 -4.81 -12.27 1.32
C LYS B 94 -5.54 -11.70 0.10
N GLU B 95 -6.05 -12.60 -0.74
CA GLU B 95 -6.76 -12.21 -1.96
C GLU B 95 -7.93 -11.27 -1.69
N LEU B 96 -8.65 -11.50 -0.60
CA LEU B 96 -9.80 -10.67 -0.28
C LEU B 96 -9.37 -9.31 0.26
N VAL B 97 -8.27 -9.25 1.00
CA VAL B 97 -7.72 -7.96 1.40
C VAL B 97 -7.41 -7.12 0.18
N LEU B 98 -6.78 -7.73 -0.83
CA LEU B 98 -6.43 -7.03 -2.05
C LEU B 98 -7.67 -6.58 -2.83
N LEU B 99 -8.67 -7.47 -2.89
CA LEU B 99 -9.90 -7.13 -3.61
C LEU B 99 -10.65 -5.99 -2.93
N LEU B 100 -10.64 -5.96 -1.59
CA LEU B 100 -11.31 -4.88 -0.87
C LEU B 100 -10.61 -3.55 -1.09
N LEU B 101 -9.29 -3.52 -0.96
CA LEU B 101 -8.53 -2.31 -1.27
C LEU B 101 -8.83 -1.81 -2.69
N GLU B 102 -8.96 -2.74 -3.62
CA GLU B 102 -9.27 -2.39 -5.01
C GLU B 102 -10.57 -1.60 -5.07
N TYR B 103 -11.49 -1.88 -4.15
CA TYR B 103 -12.78 -1.19 -4.11
C TYR B 103 -12.80 -0.05 -3.09
N ASP B 104 -11.64 0.56 -2.85
CA ASP B 104 -11.50 1.77 -2.04
C ASP B 104 -11.85 1.52 -0.57
N ALA B 105 -11.55 0.33 -0.08
CA ALA B 105 -11.71 0.06 1.35
C ALA B 105 -10.71 0.87 2.15
N ASP B 106 -11.21 1.64 3.11
CA ASP B 106 -10.36 2.43 3.99
C ASP B 106 -9.67 1.54 5.00
N SER B 107 -8.34 1.50 4.96
CA SER B 107 -7.55 0.68 5.87
C SER B 107 -7.19 1.40 7.16
N THR B 108 -7.50 2.70 7.27
CA THR B 108 -7.18 3.48 8.45
C THR B 108 -8.22 3.34 9.55
N VAL B 109 -9.39 2.78 9.25
CA VAL B 109 -10.52 2.80 10.16
C VAL B 109 -10.14 2.12 11.47
N VAL B 110 -10.44 2.77 12.58
CA VAL B 110 -10.19 2.24 13.91
C VAL B 110 -11.50 1.64 14.42
N ASN B 111 -11.46 0.39 14.87
CA ASN B 111 -12.69 -0.20 15.38
C ASN B 111 -12.96 0.31 16.79
N GLY B 112 -14.09 -0.12 17.35
CA GLY B 112 -14.45 0.27 18.70
C GLY B 112 -13.44 -0.15 19.74
N SER B 113 -12.65 -1.17 19.44
CA SER B 113 -11.63 -1.66 20.35
C SER B 113 -10.32 -0.87 20.24
N GLY B 114 -10.26 0.10 19.34
CA GLY B 114 -9.05 0.89 19.16
C GLY B 114 -8.03 0.29 18.21
N GLN B 115 -8.47 -0.51 17.24
CA GLN B 115 -7.57 -1.22 16.35
C GLN B 115 -7.86 -0.86 14.89
N THR B 116 -6.79 -0.89 14.10
CA THR B 116 -6.89 -0.93 12.65
C THR B 116 -6.91 -2.39 12.19
N ALA B 117 -7.25 -2.59 10.92
CA ALA B 117 -7.22 -3.95 10.37
C ALA B 117 -5.81 -4.52 10.43
N LYS B 118 -4.80 -3.67 10.21
CA LYS B 118 -3.42 -4.11 10.36
C LYS B 118 -3.17 -4.61 11.77
N GLU B 119 -3.61 -3.86 12.78
CA GLU B 119 -3.34 -4.23 14.15
C GLU B 119 -4.08 -5.49 14.57
N ALA B 120 -5.12 -5.87 13.83
CA ALA B 120 -5.96 -7.01 14.19
C ALA B 120 -5.55 -8.31 13.50
N THR B 121 -4.63 -8.27 12.54
CA THR B 121 -4.24 -9.48 11.84
C THR B 121 -3.07 -10.16 12.54
N HIS B 122 -3.00 -11.48 12.36
CA HIS B 122 -1.84 -12.27 12.75
C HIS B 122 -1.03 -12.74 11.55
N ASP B 123 -1.51 -12.47 10.34
CA ASP B 123 -0.82 -12.93 9.13
C ASP B 123 0.35 -12.00 8.81
N LYS B 124 1.49 -12.62 8.47
CA LYS B 124 2.69 -11.84 8.20
C LYS B 124 2.56 -11.07 6.90
N GLU B 125 2.14 -11.74 5.83
CA GLU B 125 1.97 -11.08 4.54
C GLU B 125 1.05 -9.88 4.67
N ILE B 126 -0.20 -10.13 5.10
CA ILE B 126 -1.23 -9.10 5.21
C ILE B 126 -0.76 -7.93 6.07
N ARG B 127 -0.04 -8.22 7.16
CA ARG B 127 0.46 -7.14 8.01
C ARG B 127 1.48 -6.29 7.26
N ASN B 128 2.33 -6.92 6.46
CA ASN B 128 3.22 -6.16 5.58
C ASN B 128 2.42 -5.33 4.60
N MET B 129 1.41 -5.93 3.98
CA MET B 129 0.65 -5.23 2.95
C MET B 129 -0.02 -3.99 3.53
N LEU B 130 -0.62 -4.13 4.72
CA LEU B 130 -1.31 -3.00 5.34
C LEU B 130 -0.33 -2.01 5.95
N GLU B 131 0.84 -2.48 6.38
CA GLU B 131 1.90 -1.55 6.76
C GLU B 131 2.20 -0.60 5.62
N ALA B 132 2.29 -1.14 4.40
CA ALA B 132 2.60 -0.31 3.23
C ALA B 132 1.48 0.66 2.92
N VAL B 133 0.25 0.15 2.82
CA VAL B 133 -0.90 1.00 2.55
C VAL B 133 -1.02 2.09 3.61
N GLU B 134 -0.67 1.77 4.86
CA GLU B 134 -0.70 2.77 5.92
C GLU B 134 0.25 3.93 5.62
N ARG B 135 1.40 3.63 4.99
CA ARG B 135 2.38 4.68 4.69
C ARG B 135 1.87 5.64 3.61
N THR B 136 1.06 5.15 2.69
CA THR B 136 0.49 6.01 1.65
C THR B 136 -0.49 7.01 2.26
#